data_5DDB
#
_entry.id   5DDB
#
_cell.length_a   48.413
_cell.length_b   80.054
_cell.length_c   124.728
_cell.angle_alpha   90.00
_cell.angle_beta   90.00
_cell.angle_gamma   90.00
#
_symmetry.space_group_name_H-M   'P 21 21 21'
#
loop_
_entity.id
_entity.type
_entity.pdbx_description
1 polymer Menin
2 non-polymer 4-{4-[5-(difluoromethyl)-1,3,4-thiadiazol-2-yl]piperazin-1-yl}-6-(2,2,2-trifluoroethyl)thieno[2,3-d]pyrimidine
3 non-polymer 'DIMETHYL SULFOXIDE'
4 non-polymer 'TETRAETHYLENE GLYCOL'
5 non-polymer DI(HYDROXYETHYL)ETHER
6 non-polymer 'SULFATE ION'
7 water water
#
_entity_poly.entity_id   1
_entity_poly.type   'polypeptide(L)'
_entity_poly.pdbx_seq_one_letter_code
;GGSSSMGLKAAQKTLFPLRSIDDVVRLFAAELGREEPDLVLLSLVLGFVEHFLAVNRVGLTYFPVADLSIIAALYARFTA
QIRGAVDLSLYPREGGVSSRELVKKVSDVIWNSLSRSYFKDRAHIQSLFSFITGTKLDSSGVAFAVVGACQALGLRDVHL
ALSEDHAWVVFGPNGEQTAEVTWHGKGNEDRRGQTVNAGVAERSWLYLKGSYMRCDRKMEVAFMVCAINPSIDLHTDSLE
LLQLQQKLLWLLYDLGHLERYPMALGNLADLEELEPTPGRPDPLTLYHKGIASAKTYYRDEHIYPYMYLAGYHCRNRNVR
EALQAWADTATVIQDYNYCREDEEIYKEFFEVANDVIPNLLKEAASLLEAGSQGSALQDPECFAHLLRFYDGICKWEEGS
PTPVLHVGWATFLVQSLGRFEGQVRQKVRIVSVPAPAASPPPEGPVLTFQSEKMKGMKELLVATKINSSAIKLQLTAQSQ
VQMKKQKVS
;
_entity_poly.pdbx_strand_id   A
#
loop_
_chem_comp.id
_chem_comp.type
_chem_comp.name
_chem_comp.formula
59Q non-polymer 4-{4-[5-(difluoromethyl)-1,3,4-thiadiazol-2-yl]piperazin-1-yl}-6-(2,2,2-trifluoroethyl)thieno[2,3-d]pyrimidine 'C15 H13 F5 N6 S2'
DMS non-polymer 'DIMETHYL SULFOXIDE' 'C2 H6 O S'
PEG non-polymer DI(HYDROXYETHYL)ETHER 'C4 H10 O3'
PG4 non-polymer 'TETRAETHYLENE GLYCOL' 'C8 H18 O5'
SO4 non-polymer 'SULFATE ION' 'O4 S -2'
#
# COMPACT_ATOMS: atom_id res chain seq x y z
C GLY A 7 -3.90 23.07 23.05
N LEU A 8 -2.70 23.39 22.56
CA LEU A 8 -1.47 22.66 22.90
C LEU A 8 -1.12 22.81 24.37
N LYS A 9 -0.61 21.73 24.95
CA LYS A 9 -0.22 21.67 26.32
C LYS A 9 1.17 22.20 26.49
N ALA A 10 1.50 22.75 27.67
CA ALA A 10 2.83 23.32 27.82
C ALA A 10 3.99 22.37 27.46
N ALA A 11 3.86 21.08 27.84
CA ALA A 11 4.90 20.10 27.58
C ALA A 11 5.10 19.80 26.11
N GLN A 12 4.05 19.96 25.33
CA GLN A 12 4.18 19.80 23.90
C GLN A 12 4.98 20.92 23.25
N LYS A 13 5.16 22.05 23.94
CA LYS A 13 5.68 23.26 23.31
C LYS A 13 7.16 23.46 23.53
N THR A 14 7.71 22.72 24.50
CA THR A 14 9.08 22.91 24.99
C THR A 14 10.19 22.58 23.99
N LEU A 15 9.96 21.67 23.04
CA LEU A 15 10.99 21.45 21.98
C LEU A 15 11.07 22.52 20.88
N PHE A 16 10.03 23.34 20.74
CA PHE A 16 10.07 24.39 19.72
C PHE A 16 11.07 25.50 20.07
N PRO A 17 11.69 26.13 19.06
CA PRO A 17 11.43 25.86 17.63
C PRO A 17 12.18 24.62 17.12
N LEU A 18 11.63 23.96 16.10
CA LEU A 18 12.26 22.77 15.50
C LEU A 18 13.18 23.24 14.41
N ARG A 19 14.49 23.01 14.61
CA ARG A 19 15.47 23.60 13.70
C ARG A 19 16.16 22.62 12.82
N SER A 20 15.81 21.34 12.93
CA SER A 20 16.48 20.32 12.16
C SER A 20 15.61 19.08 12.10
N ILE A 21 16.03 18.14 11.25
CA ILE A 21 15.40 16.81 11.12
C ILE A 21 15.40 16.14 12.49
N ASP A 22 16.55 16.19 13.18
CA ASP A 22 16.60 15.55 14.51
C ASP A 22 15.66 16.20 15.49
N ASP A 23 15.42 17.52 15.41
CA ASP A 23 14.44 18.15 16.34
C ASP A 23 13.00 17.65 16.08
N VAL A 24 12.72 17.41 14.79
CA VAL A 24 11.42 16.83 14.45
C VAL A 24 11.31 15.40 15.00
N VAL A 25 12.40 14.60 14.87
CA VAL A 25 12.41 13.26 15.44
C VAL A 25 12.22 13.31 16.98
N ARG A 26 12.85 14.30 17.65
CA ARG A 26 12.62 14.43 19.12
C ARG A 26 11.19 14.73 19.46
N LEU A 27 10.51 15.53 18.61
CA LEU A 27 9.12 15.83 18.86
C LEU A 27 8.27 14.58 18.69
N PHE A 28 8.56 13.79 17.64
CA PHE A 28 7.82 12.55 17.49
C PHE A 28 8.08 11.57 18.63
N ALA A 29 9.32 11.51 19.14
CA ALA A 29 9.61 10.62 20.26
C ALA A 29 8.83 11.08 21.50
N ALA A 30 8.75 12.41 21.72
CA ALA A 30 8.10 12.91 22.88
C ALA A 30 6.63 12.60 22.80
N GLU A 31 6.02 12.88 21.64
CA GLU A 31 4.61 12.54 21.48
C GLU A 31 4.27 11.05 21.58
N LEU A 32 5.16 10.21 21.06
CA LEU A 32 4.93 8.79 21.08
C LEU A 32 5.08 8.23 22.49
N GLY A 33 5.70 9.01 23.37
CA GLY A 33 5.83 8.64 24.81
C GLY A 33 4.62 9.05 25.64
N ARG A 34 3.70 9.78 25.01
CA ARG A 34 2.49 10.26 25.69
C ARG A 34 1.37 9.24 25.55
N GLU A 35 0.41 9.36 26.45
CA GLU A 35 -0.81 8.55 26.42
C GLU A 35 -1.41 8.49 24.99
N GLU A 36 -1.61 9.66 24.38
CA GLU A 36 -2.25 9.84 23.08
C GLU A 36 -1.38 10.83 22.29
N PRO A 37 -0.49 10.32 21.40
CA PRO A 37 0.24 11.28 20.59
C PRO A 37 -0.71 12.17 19.82
N ASP A 38 -0.34 13.44 19.67
CA ASP A 38 -1.23 14.42 19.12
C ASP A 38 -1.12 14.41 17.60
N LEU A 39 -2.10 13.76 16.96
CA LEU A 39 -2.06 13.61 15.49
C LEU A 39 -2.10 14.93 14.74
N VAL A 40 -2.86 15.88 15.28
CA VAL A 40 -3.02 17.18 14.62
C VAL A 40 -1.68 17.96 14.69
N LEU A 41 -1.03 17.97 15.88
CA LEU A 41 0.24 18.65 15.96
C LEU A 41 1.24 18.01 15.00
N LEU A 42 1.29 16.68 15.02
CA LEU A 42 2.34 15.99 14.26
C LEU A 42 2.13 16.10 12.73
N SER A 43 0.87 16.02 12.29
CA SER A 43 0.58 16.17 10.86
C SER A 43 0.88 17.59 10.37
N LEU A 44 0.60 18.57 11.21
CA LEU A 44 0.85 19.98 10.83
C LEU A 44 2.33 20.22 10.73
N VAL A 45 3.10 19.64 11.68
CA VAL A 45 4.57 19.76 11.61
C VAL A 45 5.09 19.08 10.35
N LEU A 46 4.67 17.85 10.08
CA LEU A 46 5.18 17.20 8.85
C LEU A 46 4.76 17.94 7.60
N GLY A 47 3.52 18.44 7.56
CA GLY A 47 3.09 19.18 6.34
C GLY A 47 3.84 20.50 6.16
N PHE A 48 4.17 21.14 7.27
CA PHE A 48 4.90 22.40 7.23
C PHE A 48 6.29 22.10 6.68
N VAL A 49 6.97 21.13 7.28
CA VAL A 49 8.34 20.85 6.80
C VAL A 49 8.36 20.30 5.35
N GLU A 50 7.39 19.48 4.96
CA GLU A 50 7.30 19.02 3.60
C GLU A 50 7.03 20.16 2.66
N HIS A 51 6.17 21.10 3.07
CA HIS A 51 5.88 22.22 2.15
C HIS A 51 7.18 23.01 1.84
N PHE A 52 7.96 23.28 2.85
CA PHE A 52 9.18 24.09 2.69
C PHE A 52 10.42 23.27 2.25
N LEU A 53 10.30 21.95 2.14
CA LEU A 53 11.38 21.12 1.58
C LEU A 53 11.09 20.58 0.21
N ALA A 54 9.82 20.41 -0.17
CA ALA A 54 9.51 19.79 -1.44
C ALA A 54 8.64 20.69 -2.28
N VAL A 55 7.79 21.52 -1.67
CA VAL A 55 6.82 22.24 -2.50
C VAL A 55 7.38 23.57 -2.91
N ASN A 56 8.00 24.27 -1.96
CA ASN A 56 8.58 25.60 -2.19
C ASN A 56 9.89 25.75 -1.40
N ARG A 57 11.03 25.53 -2.08
CA ARG A 57 12.36 25.58 -1.40
C ARG A 57 13.01 26.97 -1.50
N VAL A 58 12.30 27.98 -1.93
CA VAL A 58 12.88 29.31 -1.96
C VAL A 58 13.34 29.80 -0.60
N GLY A 59 14.62 30.15 -0.47
CA GLY A 59 15.15 30.67 0.77
C GLY A 59 15.68 29.62 1.74
N LEU A 60 15.48 28.39 1.40
CA LEU A 60 15.99 27.23 2.19
C LEU A 60 17.50 27.34 2.28
N THR A 61 18.02 27.26 3.51
CA THR A 61 19.47 27.21 3.65
C THR A 61 19.92 25.94 4.42
N TYR A 62 19.02 25.34 5.19
CA TYR A 62 19.32 24.07 5.82
C TYR A 62 18.02 23.32 6.12
N PHE A 63 17.17 23.97 6.91
CA PHE A 63 15.99 23.27 7.36
C PHE A 63 14.98 24.34 7.66
N PRO A 64 13.71 24.12 7.28
CA PRO A 64 12.72 25.17 7.55
C PRO A 64 12.34 25.23 9.00
N VAL A 65 12.83 26.22 9.72
CA VAL A 65 12.55 26.31 11.13
C VAL A 65 11.03 26.39 11.42
N ALA A 66 10.56 25.45 12.25
CA ALA A 66 9.18 25.51 12.67
C ALA A 66 9.09 26.18 14.03
N ASP A 67 8.67 27.45 13.99
CA ASP A 67 8.47 28.22 15.20
C ASP A 67 7.14 27.86 15.86
N LEU A 68 7.13 27.84 17.19
CA LEU A 68 5.91 27.58 17.92
C LEU A 68 4.78 28.52 17.48
N SER A 69 5.06 29.80 17.29
CA SER A 69 3.95 30.70 16.94
C SER A 69 3.22 30.31 15.64
N ILE A 70 4.00 29.91 14.65
CA ILE A 70 3.50 29.42 13.35
C ILE A 70 2.70 28.12 13.50
N ILE A 71 3.31 27.12 14.15
CA ILE A 71 2.62 25.85 14.32
C ILE A 71 1.40 26.00 15.23
N ALA A 72 1.53 26.74 16.35
CA ALA A 72 0.34 26.93 17.19
C ALA A 72 -0.79 27.65 16.48
N ALA A 73 -0.48 28.58 15.58
CA ALA A 73 -1.54 29.27 14.84
C ALA A 73 -2.26 28.31 13.91
N LEU A 74 -1.49 27.46 13.23
CA LEU A 74 -2.13 26.44 12.34
C LEU A 74 -2.99 25.51 13.19
N TYR A 75 -2.46 25.09 14.36
CA TYR A 75 -3.20 24.17 15.24
C TYR A 75 -4.52 24.79 15.68
N ALA A 76 -4.48 26.10 15.99
CA ALA A 76 -5.67 26.83 16.40
C ALA A 76 -6.66 26.94 15.30
N ARG A 77 -6.18 27.15 14.07
CA ARG A 77 -7.10 27.20 12.96
C ARG A 77 -7.85 25.84 12.84
N PHE A 78 -7.10 24.76 12.91
CA PHE A 78 -7.80 23.48 12.81
C PHE A 78 -8.77 23.24 13.95
N THR A 79 -8.31 23.36 15.18
CA THR A 79 -9.20 23.06 16.30
C THR A 79 -10.43 23.97 16.32
N ALA A 80 -10.27 25.27 15.92
CA ALA A 80 -11.42 26.20 15.82
C ALA A 80 -12.45 25.75 14.80
N GLN A 81 -11.95 25.25 13.67
CA GLN A 81 -12.78 24.89 12.55
C GLN A 81 -13.61 23.67 12.94
N ILE A 82 -13.00 22.72 13.65
CA ILE A 82 -13.69 21.45 13.98
C ILE A 82 -14.63 21.69 15.14
N ARG A 83 -14.12 22.35 16.19
CA ARG A 83 -14.92 22.61 17.40
C ARG A 83 -16.11 23.51 17.14
N GLY A 84 -15.94 24.45 16.22
CA GLY A 84 -17.06 25.34 15.91
C GLY A 84 -18.13 24.67 15.08
N ALA A 85 -17.75 23.68 14.26
CA ALA A 85 -18.68 23.09 13.32
C ALA A 85 -19.36 21.83 13.87
N VAL A 86 -18.75 21.18 14.85
CA VAL A 86 -19.29 19.93 15.37
C VAL A 86 -19.65 20.22 16.84
N ASP A 87 -20.95 20.31 17.09
CA ASP A 87 -21.45 20.46 18.43
C ASP A 87 -21.72 19.11 19.09
N LEU A 88 -20.82 18.72 19.99
CA LEU A 88 -20.92 17.43 20.66
C LEU A 88 -22.16 17.19 21.51
N SER A 89 -22.75 18.26 22.03
CA SER A 89 -23.94 18.09 22.83
C SER A 89 -25.08 17.51 22.05
N LEU A 90 -25.01 17.59 20.71
CA LEU A 90 -26.12 17.11 19.88
C LEU A 90 -26.02 15.59 19.62
N TYR A 91 -24.89 15.00 20.03
CA TYR A 91 -24.51 13.58 19.81
C TYR A 91 -24.02 12.96 21.12
N PRO A 92 -24.94 12.67 22.06
CA PRO A 92 -24.54 12.17 23.39
C PRO A 92 -23.73 10.86 23.36
N ARG A 93 -22.67 10.77 24.14
CA ARG A 93 -21.79 9.58 24.15
C ARG A 93 -22.00 8.65 25.35
N GLU A 94 -22.69 7.53 25.13
CA GLU A 94 -22.74 6.43 26.11
C GLU A 94 -21.38 5.74 26.15
N GLY A 95 -21.05 5.12 27.29
CA GLY A 95 -19.88 4.24 27.41
C GLY A 95 -18.51 4.66 26.89
N GLY A 96 -18.29 5.96 26.74
CA GLY A 96 -17.05 6.46 26.15
C GLY A 96 -16.91 6.16 24.65
N VAL A 97 -18.04 5.92 23.98
CA VAL A 97 -17.97 5.62 22.54
C VAL A 97 -18.83 6.52 21.66
N SER A 98 -18.40 6.72 20.40
CA SER A 98 -19.02 7.62 19.48
C SER A 98 -20.10 6.91 18.71
N SER A 99 -20.98 7.70 18.14
CA SER A 99 -22.10 7.22 17.35
C SER A 99 -21.82 7.40 15.88
N ARG A 100 -22.54 6.63 15.06
CA ARG A 100 -22.37 6.79 13.64
C ARG A 100 -22.73 8.20 13.13
N GLU A 101 -23.77 8.83 13.75
CA GLU A 101 -24.17 10.18 13.35
C GLU A 101 -23.02 11.17 13.62
N LEU A 102 -22.33 10.99 14.75
CA LEU A 102 -21.22 11.89 15.13
C LEU A 102 -20.07 11.71 14.11
N VAL A 103 -19.75 10.45 13.78
CA VAL A 103 -18.63 10.20 12.85
C VAL A 103 -19.00 10.76 11.47
N LYS A 104 -20.25 10.63 11.05
CA LYS A 104 -20.68 11.19 9.79
C LYS A 104 -20.60 12.71 9.78
N LYS A 105 -20.94 13.33 10.92
CA LYS A 105 -20.87 14.78 11.03
C LYS A 105 -19.43 15.27 10.87
N VAL A 106 -18.50 14.60 11.53
CA VAL A 106 -17.09 15.03 11.43
C VAL A 106 -16.65 14.82 9.97
N SER A 107 -17.02 13.69 9.34
CA SER A 107 -16.62 13.48 7.97
C SER A 107 -17.22 14.54 7.04
N ASP A 108 -18.50 14.95 7.29
CA ASP A 108 -19.10 16.00 6.46
C ASP A 108 -18.40 17.37 6.65
N VAL A 109 -17.99 17.67 7.89
CA VAL A 109 -17.26 18.91 8.16
C VAL A 109 -15.95 18.96 7.35
N ILE A 110 -15.21 17.86 7.35
CA ILE A 110 -13.95 17.84 6.59
C ILE A 110 -14.27 17.97 5.11
N TRP A 111 -15.20 17.15 4.61
CA TRP A 111 -15.56 17.14 3.19
C TRP A 111 -16.00 18.51 2.71
N ASN A 112 -16.93 19.10 3.46
CA ASN A 112 -17.48 20.40 3.04
C ASN A 112 -16.46 21.54 3.12
N SER A 113 -15.32 21.32 3.79
CA SER A 113 -14.24 22.32 3.86
C SER A 113 -13.34 22.35 2.60
N LEU A 114 -13.41 21.32 1.75
CA LEU A 114 -12.45 21.17 0.70
C LEU A 114 -12.82 22.03 -0.50
N SER A 115 -11.82 22.46 -1.26
CA SER A 115 -12.03 23.22 -2.49
C SER A 115 -12.96 22.40 -3.39
N ARG A 116 -13.90 23.09 -4.04
CA ARG A 116 -14.93 22.45 -4.89
C ARG A 116 -14.30 21.60 -6.01
N SER A 117 -13.22 22.12 -6.58
CA SER A 117 -12.54 21.49 -7.72
C SER A 117 -11.01 21.56 -7.57
N TYR A 118 -10.35 20.40 -7.63
CA TYR A 118 -8.86 20.36 -7.68
C TYR A 118 -8.39 18.97 -8.13
N PHE A 119 -7.13 18.86 -8.54
CA PHE A 119 -6.58 17.55 -8.94
C PHE A 119 -6.35 16.70 -7.70
N LYS A 120 -7.16 15.66 -7.54
CA LYS A 120 -7.29 15.02 -6.23
C LYS A 120 -6.12 14.07 -5.93
N ASP A 121 -5.24 13.85 -6.90
CA ASP A 121 -4.06 12.99 -6.70
C ASP A 121 -2.70 13.70 -6.99
N ARG A 122 -2.69 15.01 -6.80
CA ARG A 122 -1.45 15.75 -6.63
C ARG A 122 -0.64 15.24 -5.43
N ALA A 123 0.66 15.50 -5.45
CA ALA A 123 1.53 15.25 -4.29
C ALA A 123 1.30 16.36 -3.29
N HIS A 124 1.63 16.06 -2.04
CA HIS A 124 1.69 17.04 -0.99
C HIS A 124 0.32 17.60 -0.58
N ILE A 125 -0.73 16.79 -0.74
CA ILE A 125 -2.08 17.20 -0.27
C ILE A 125 -2.58 16.17 0.72
N GLN A 126 -1.67 15.58 1.46
CA GLN A 126 -2.04 14.50 2.39
C GLN A 126 -2.22 14.95 3.84
N SER A 127 -1.64 16.09 4.22
CA SER A 127 -1.48 16.46 5.64
C SER A 127 -2.46 17.50 6.08
N LEU A 128 -2.56 17.71 7.40
CA LEU A 128 -3.44 18.76 7.87
C LEU A 128 -2.88 20.16 7.45
N PHE A 129 -1.58 20.26 7.15
CA PHE A 129 -1.07 21.54 6.62
C PHE A 129 -1.75 21.89 5.29
N SER A 130 -1.90 20.89 4.41
CA SER A 130 -2.60 21.11 3.14
C SER A 130 -4.07 21.43 3.36
N PHE A 131 -4.70 20.74 4.31
CA PHE A 131 -6.12 21.01 4.60
C PHE A 131 -6.32 22.45 5.02
N ILE A 132 -5.47 22.93 5.93
CA ILE A 132 -5.64 24.30 6.46
C ILE A 132 -5.22 25.37 5.42
N THR A 133 -4.05 25.19 4.82
CA THR A 133 -3.49 26.31 4.01
C THR A 133 -4.05 26.29 2.58
N GLY A 134 -4.40 25.11 2.10
CA GLY A 134 -4.85 24.90 0.70
C GLY A 134 -6.26 24.39 0.50
N THR A 135 -6.94 24.08 1.60
CA THR A 135 -8.26 23.43 1.56
C THR A 135 -8.27 22.30 0.52
N LYS A 136 -7.26 21.44 0.62
CA LYS A 136 -7.15 20.29 -0.29
C LYS A 136 -6.62 19.09 0.48
N LEU A 137 -7.26 17.95 0.20
CA LEU A 137 -6.79 16.63 0.70
C LEU A 137 -6.99 15.56 -0.35
N ASP A 138 -6.04 14.62 -0.39
CA ASP A 138 -6.26 13.38 -1.12
C ASP A 138 -7.16 12.42 -0.40
N SER A 139 -7.51 11.30 -1.04
CA SER A 139 -8.55 10.43 -0.50
CA SER A 139 -8.54 10.41 -0.49
C SER A 139 -8.25 9.93 0.91
N SER A 140 -7.07 9.34 1.11
CA SER A 140 -6.76 8.84 2.45
C SER A 140 -6.50 9.99 3.39
N GLY A 141 -6.09 11.13 2.85
CA GLY A 141 -5.87 12.34 3.69
C GLY A 141 -7.20 12.75 4.34
N VAL A 142 -8.31 12.60 3.63
CA VAL A 142 -9.63 12.90 4.24
C VAL A 142 -9.88 11.94 5.43
N ALA A 143 -9.65 10.63 5.24
CA ALA A 143 -9.83 9.75 6.38
C ALA A 143 -8.93 10.09 7.55
N PHE A 144 -7.64 10.38 7.30
CA PHE A 144 -6.80 10.77 8.42
C PHE A 144 -7.27 12.05 9.14
N ALA A 145 -7.74 13.00 8.35
CA ALA A 145 -8.20 14.27 8.92
C ALA A 145 -9.46 14.04 9.77
N VAL A 146 -10.32 13.10 9.36
CA VAL A 146 -11.48 12.78 10.24
C VAL A 146 -10.97 12.19 11.55
N VAL A 147 -9.95 11.31 11.54
CA VAL A 147 -9.48 10.72 12.78
C VAL A 147 -8.78 11.80 13.64
N GLY A 148 -8.02 12.70 13.01
CA GLY A 148 -7.38 13.82 13.77
C GLY A 148 -8.43 14.74 14.38
N ALA A 149 -9.45 15.05 13.61
CA ALA A 149 -10.57 15.91 14.12
C ALA A 149 -11.24 15.18 15.29
N CYS A 150 -11.51 13.88 15.16
CA CYS A 150 -12.14 13.15 16.26
C CYS A 150 -11.26 13.16 17.52
N GLN A 151 -9.94 12.96 17.38
CA GLN A 151 -9.08 13.04 18.55
C GLN A 151 -9.17 14.46 19.14
N ALA A 152 -9.17 15.48 18.29
CA ALA A 152 -9.23 16.91 18.77
C ALA A 152 -10.48 17.09 19.62
N LEU A 153 -11.58 16.41 19.24
CA LEU A 153 -12.84 16.43 19.97
C LEU A 153 -12.93 15.52 21.20
N GLY A 154 -11.89 14.74 21.49
CA GLY A 154 -11.84 13.79 22.61
C GLY A 154 -12.48 12.44 22.39
N LEU A 155 -12.61 12.06 21.10
CA LEU A 155 -13.32 10.83 20.71
C LEU A 155 -12.28 9.71 20.57
N ARG A 156 -11.92 9.13 21.70
CA ARG A 156 -10.75 8.26 21.77
C ARG A 156 -10.98 6.95 21.02
N ASP A 157 -12.24 6.63 20.73
CA ASP A 157 -12.58 5.38 20.08
C ASP A 157 -12.49 5.40 18.56
N VAL A 158 -12.36 6.58 17.94
CA VAL A 158 -12.41 6.68 16.45
C VAL A 158 -10.97 6.45 15.94
N HIS A 159 -10.79 5.45 15.08
CA HIS A 159 -9.44 5.11 14.62
C HIS A 159 -9.43 4.88 13.15
N LEU A 160 -8.25 5.03 12.56
CA LEU A 160 -8.12 4.85 11.12
C LEU A 160 -8.07 3.35 10.76
N ALA A 161 -8.84 2.98 9.73
CA ALA A 161 -8.76 1.59 9.22
C ALA A 161 -8.16 1.73 7.80
N LEU A 162 -7.28 0.77 7.50
CA LEU A 162 -6.54 0.85 6.23
C LEU A 162 -6.53 -0.49 5.52
N SER A 163 -6.88 -0.49 4.23
CA SER A 163 -6.56 -1.65 3.40
C SER A 163 -5.35 -1.28 2.54
N GLU A 164 -5.04 -2.09 1.50
CA GLU A 164 -3.90 -1.77 0.69
C GLU A 164 -4.20 -0.67 -0.34
N ASP A 165 -5.50 -0.32 -0.54
CA ASP A 165 -5.82 0.74 -1.47
C ASP A 165 -6.98 1.64 -0.99
N HIS A 166 -7.31 1.59 0.28
CA HIS A 166 -8.40 2.46 0.74
C HIS A 166 -8.25 2.71 2.24
N ALA A 167 -9.03 3.67 2.77
CA ALA A 167 -9.01 4.04 4.17
C ALA A 167 -10.41 4.42 4.59
N TRP A 168 -10.70 4.09 5.85
CA TRP A 168 -12.01 4.45 6.46
C TRP A 168 -11.75 4.57 7.93
N VAL A 169 -12.83 4.56 8.76
CA VAL A 169 -12.63 4.58 10.18
C VAL A 169 -13.39 3.49 10.92
N VAL A 170 -12.87 3.11 12.07
CA VAL A 170 -13.55 2.21 13.01
C VAL A 170 -13.92 2.99 14.25
N PHE A 171 -14.93 2.56 14.99
CA PHE A 171 -15.32 3.35 16.15
C PHE A 171 -16.33 2.51 16.91
N GLY A 172 -16.84 3.07 18.00
CA GLY A 172 -18.04 2.48 18.62
C GLY A 172 -17.71 1.45 19.68
N PRO A 173 -18.78 0.74 20.18
CA PRO A 173 -18.62 -0.33 21.16
C PRO A 173 -17.54 -1.31 20.70
N ASN A 174 -16.51 -1.51 21.51
CA ASN A 174 -15.40 -2.42 21.20
C ASN A 174 -14.64 -2.07 19.94
N GLY A 175 -14.84 -0.87 19.40
CA GLY A 175 -14.22 -0.46 18.14
C GLY A 175 -14.73 -1.33 16.99
N GLU A 176 -15.93 -1.87 17.15
CA GLU A 176 -16.39 -2.83 16.19
C GLU A 176 -17.15 -2.27 15.00
N GLN A 177 -17.58 -1.00 15.03
CA GLN A 177 -18.23 -0.38 13.91
C GLN A 177 -17.27 0.11 12.85
N THR A 178 -17.72 0.09 11.59
CA THR A 178 -16.94 0.71 10.50
C THR A 178 -17.75 1.77 9.82
N ALA A 179 -17.08 2.83 9.37
CA ALA A 179 -17.73 3.81 8.53
C ALA A 179 -16.82 4.35 7.43
N GLU A 180 -17.39 4.42 6.24
CA GLU A 180 -16.81 5.10 5.08
C GLU A 180 -16.79 6.57 5.40
N VAL A 181 -15.65 7.22 5.16
CA VAL A 181 -15.51 8.67 5.40
C VAL A 181 -14.95 9.43 4.23
N THR A 182 -14.44 8.72 3.24
CA THR A 182 -13.82 9.31 2.07
C THR A 182 -14.20 8.60 0.74
N TRP A 183 -13.74 9.08 -0.42
CA TRP A 183 -14.02 8.48 -1.70
C TRP A 183 -12.93 7.42 -1.97
N HIS A 184 -13.25 6.56 -2.93
CA HIS A 184 -12.27 5.65 -3.44
C HIS A 184 -12.19 5.73 -4.94
N GLY A 185 -10.99 5.96 -5.45
CA GLY A 185 -10.71 5.97 -6.86
C GLY A 185 -11.43 7.13 -7.50
N LYS A 186 -11.98 6.87 -8.69
CA LYS A 186 -12.52 7.91 -9.55
C LYS A 186 -13.73 7.33 -10.25
N GLY A 187 -14.87 7.98 -10.09
CA GLY A 187 -16.10 7.53 -10.72
C GLY A 187 -16.96 6.69 -9.81
N ASN A 188 -16.31 5.94 -8.91
CA ASN A 188 -17.01 5.16 -7.92
C ASN A 188 -17.87 6.08 -7.07
N GLU A 189 -19.18 5.84 -7.09
CA GLU A 189 -20.09 6.49 -6.17
C GLU A 189 -19.62 6.10 -4.79
N ASP A 190 -19.55 7.09 -3.90
CA ASP A 190 -19.02 6.89 -2.56
C ASP A 190 -20.11 6.40 -1.62
N ARG A 191 -19.75 5.54 -0.66
CA ARG A 191 -20.71 5.01 0.29
C ARG A 191 -20.51 5.66 1.68
N ARG A 192 -20.15 6.96 1.74
CA ARG A 192 -19.82 7.63 3.00
C ARG A 192 -20.96 7.40 4.00
N GLY A 193 -20.55 7.10 5.22
CA GLY A 193 -21.48 6.87 6.30
C GLY A 193 -21.82 5.41 6.44
N GLN A 194 -21.58 4.61 5.39
CA GLN A 194 -21.98 3.18 5.47
C GLN A 194 -20.85 2.32 6.05
N THR A 195 -21.21 1.09 6.42
CA THR A 195 -20.19 0.09 6.84
C THR A 195 -19.43 -0.40 5.65
N VAL A 196 -18.39 -1.17 5.93
CA VAL A 196 -17.66 -1.86 4.86
C VAL A 196 -18.04 -3.32 4.78
N ASN A 197 -19.11 -3.72 5.46
CA ASN A 197 -19.46 -5.16 5.46
C ASN A 197 -19.81 -5.78 4.16
N ALA A 198 -20.49 -5.06 3.27
CA ALA A 198 -20.73 -5.61 1.94
C ALA A 198 -19.43 -5.93 1.19
N GLY A 199 -18.44 -5.03 1.32
CA GLY A 199 -17.15 -5.26 0.61
C GLY A 199 -16.35 -6.39 1.23
N VAL A 200 -16.44 -6.55 2.56
CA VAL A 200 -15.80 -7.69 3.22
C VAL A 200 -16.50 -8.97 2.72
N ALA A 201 -17.83 -8.98 2.73
CA ALA A 201 -18.59 -10.19 2.33
C ALA A 201 -18.34 -10.58 0.89
N GLU A 202 -18.10 -9.61 0.03
CA GLU A 202 -17.85 -9.98 -1.40
C GLU A 202 -16.44 -10.44 -1.70
N ARG A 203 -15.58 -10.43 -0.68
CA ARG A 203 -14.23 -10.98 -0.82
C ARG A 203 -13.39 -10.23 -1.85
N SER A 204 -13.60 -8.92 -1.98
CA SER A 204 -12.76 -8.07 -2.83
C SER A 204 -11.42 -7.80 -2.19
N TRP A 205 -10.42 -7.54 -3.01
CA TRP A 205 -9.15 -7.12 -2.47
C TRP A 205 -9.23 -5.81 -1.70
N LEU A 206 -10.14 -4.93 -2.12
CA LEU A 206 -10.20 -3.59 -1.51
C LEU A 206 -10.45 -3.66 0.00
N TYR A 207 -11.21 -4.67 0.46
CA TYR A 207 -11.50 -4.76 1.89
C TYR A 207 -10.82 -5.93 2.55
N LEU A 208 -9.92 -6.62 1.79
CA LEU A 208 -9.05 -7.63 2.34
C LEU A 208 -9.74 -8.77 3.12
N LYS A 209 -10.98 -9.10 2.74
CA LYS A 209 -11.72 -10.16 3.43
C LYS A 209 -11.78 -9.89 4.94
N GLY A 210 -11.70 -8.60 5.30
CA GLY A 210 -11.77 -8.24 6.70
C GLY A 210 -10.44 -8.18 7.38
N SER A 211 -9.37 -8.62 6.71
CA SER A 211 -8.02 -8.63 7.31
C SER A 211 -7.29 -7.28 7.05
N TYR A 212 -8.04 -6.19 7.18
CA TYR A 212 -7.50 -4.84 7.03
C TYR A 212 -6.87 -4.38 8.37
N MET A 213 -6.15 -3.27 8.31
CA MET A 213 -5.48 -2.79 9.54
C MET A 213 -6.47 -1.91 10.35
N ARG A 214 -6.55 -2.19 11.67
CA ARG A 214 -7.28 -1.31 12.61
C ARG A 214 -6.21 -0.63 13.43
N CYS A 215 -6.00 0.65 13.13
CA CYS A 215 -4.88 1.36 13.78
C CYS A 215 -5.19 1.70 15.22
N ASP A 216 -4.18 1.65 16.04
CA ASP A 216 -4.25 2.44 17.26
C ASP A 216 -3.58 3.81 16.98
N ARG A 217 -3.46 4.68 18.00
CA ARG A 217 -2.94 5.99 17.73
C ARG A 217 -1.50 5.92 17.25
N LYS A 218 -0.73 4.96 17.75
CA LYS A 218 0.70 4.90 17.31
C LYS A 218 0.84 4.49 15.83
N MET A 219 -0.04 3.58 15.39
CA MET A 219 -0.11 3.24 13.97
C MET A 219 -0.60 4.40 13.10
N GLU A 220 -1.45 5.27 13.65
CA GLU A 220 -1.87 6.46 12.92
C GLU A 220 -0.67 7.40 12.75
N VAL A 221 0.19 7.49 13.75
CA VAL A 221 1.47 8.21 13.55
C VAL A 221 2.28 7.54 12.47
N ALA A 222 2.38 6.23 12.50
CA ALA A 222 3.14 5.54 11.43
C ALA A 222 2.52 5.82 10.05
N PHE A 223 1.19 5.89 9.95
CA PHE A 223 0.58 6.20 8.67
C PHE A 223 1.00 7.59 8.15
N MET A 224 0.95 8.61 8.99
CA MET A 224 1.39 9.94 8.53
C MET A 224 2.87 9.98 8.16
N VAL A 225 3.69 9.16 8.82
CA VAL A 225 5.07 9.09 8.43
C VAL A 225 5.23 8.42 7.08
N CYS A 226 4.51 7.32 6.83
CA CYS A 226 4.52 6.73 5.49
C CYS A 226 4.00 7.70 4.44
N ALA A 227 3.06 8.57 4.85
CA ALA A 227 2.48 9.51 3.93
C ALA A 227 3.37 10.65 3.56
N ILE A 228 4.51 10.87 4.25
CA ILE A 228 5.45 11.91 3.79
C ILE A 228 5.80 11.62 2.32
N ASN A 229 5.81 12.68 1.53
CA ASN A 229 6.16 12.56 0.12
C ASN A 229 7.37 13.42 -0.18
N PRO A 230 8.53 12.73 -0.30
CA PRO A 230 9.77 13.50 -0.56
C PRO A 230 9.90 14.06 -1.96
N SER A 231 8.98 13.71 -2.85
CA SER A 231 9.13 14.08 -4.27
CA SER A 231 9.11 14.07 -4.28
C SER A 231 9.08 15.58 -4.50
N ILE A 232 10.10 16.11 -5.18
CA ILE A 232 10.09 17.51 -5.57
C ILE A 232 9.52 17.60 -6.98
N ASP A 233 10.03 16.76 -7.87
CA ASP A 233 9.41 16.58 -9.18
C ASP A 233 9.63 15.15 -9.62
N LEU A 234 9.32 14.85 -10.88
CA LEU A 234 9.44 13.48 -11.43
C LEU A 234 10.86 12.85 -11.30
N HIS A 235 11.93 13.64 -11.41
CA HIS A 235 13.27 13.07 -11.22
C HIS A 235 14.05 13.52 -9.97
N THR A 236 13.41 14.23 -9.05
CA THR A 236 14.11 14.73 -7.89
C THR A 236 13.38 14.50 -6.58
N ASP A 237 14.07 13.89 -5.60
CA ASP A 237 13.53 13.81 -4.24
C ASP A 237 14.28 14.73 -3.32
N SER A 238 13.62 15.16 -2.25
CA SER A 238 14.28 15.89 -1.17
C SER A 238 15.06 14.92 -0.29
N LEU A 239 16.40 15.10 -0.21
CA LEU A 239 17.17 14.24 0.65
C LEU A 239 16.79 14.44 2.10
N GLU A 240 16.35 15.68 2.43
CA GLU A 240 16.03 16.06 3.81
C GLU A 240 14.78 15.23 4.20
N LEU A 241 13.79 15.22 3.31
CA LEU A 241 12.54 14.48 3.64
C LEU A 241 12.75 12.98 3.64
N LEU A 242 13.56 12.46 2.71
CA LEU A 242 13.93 11.05 2.81
C LEU A 242 14.55 10.69 4.14
N GLN A 243 15.55 11.47 4.55
CA GLN A 243 16.17 11.24 5.85
C GLN A 243 15.21 11.32 7.00
N LEU A 244 14.35 12.34 6.99
CA LEU A 244 13.33 12.48 8.02
C LEU A 244 12.41 11.27 8.06
N GLN A 245 11.87 10.89 6.90
CA GLN A 245 10.96 9.72 6.88
C GLN A 245 11.65 8.44 7.38
N GLN A 246 12.88 8.23 6.95
CA GLN A 246 13.66 7.07 7.35
C GLN A 246 13.91 7.06 8.84
N LYS A 247 14.35 8.22 9.38
CA LYS A 247 14.56 8.28 10.84
C LYS A 247 13.30 8.07 11.68
N LEU A 248 12.18 8.60 11.21
CA LEU A 248 10.92 8.46 11.91
C LEU A 248 10.37 7.05 11.81
N LEU A 249 10.58 6.41 10.65
CA LEU A 249 10.25 4.97 10.54
C LEU A 249 11.14 4.10 11.48
N TRP A 250 12.43 4.45 11.61
CA TRP A 250 13.23 3.68 12.58
C TRP A 250 12.79 3.89 14.02
N LEU A 251 12.38 5.13 14.35
CA LEU A 251 11.88 5.43 15.67
C LEU A 251 10.69 4.56 15.96
N LEU A 252 9.75 4.56 15.02
CA LEU A 252 8.55 3.76 15.18
C LEU A 252 8.86 2.28 15.25
N TYR A 253 9.79 1.82 14.42
CA TYR A 253 10.21 0.43 14.44
C TYR A 253 10.77 0.02 15.83
N ASP A 254 11.65 0.87 16.40
CA ASP A 254 12.26 0.57 17.71
C ASP A 254 11.26 0.55 18.83
N LEU A 255 10.17 1.30 18.71
CA LEU A 255 9.17 1.35 19.74
C LEU A 255 8.13 0.26 19.61
N GLY A 256 8.18 -0.52 18.53
CA GLY A 256 7.22 -1.58 18.33
C GLY A 256 6.03 -1.25 17.46
N HIS A 257 5.99 -0.03 16.91
CA HIS A 257 4.75 0.44 16.29
C HIS A 257 4.65 0.05 14.81
N LEU A 258 5.67 -0.60 14.25
CA LEU A 258 5.51 -1.16 12.89
C LEU A 258 5.25 -2.67 12.92
N GLU A 259 5.09 -3.27 14.09
CA GLU A 259 4.85 -4.72 14.23
C GLU A 259 3.69 -5.22 13.36
N ARG A 260 2.63 -4.43 13.32
CA ARG A 260 1.37 -4.76 12.66
CA ARG A 260 1.41 -4.82 12.61
C ARG A 260 1.22 -3.94 11.36
N TYR A 261 2.31 -3.48 10.78
CA TYR A 261 2.21 -2.54 9.63
C TYR A 261 3.14 -2.99 8.47
N PRO A 262 2.74 -4.06 7.74
CA PRO A 262 3.53 -4.55 6.61
C PRO A 262 3.98 -3.46 5.66
N MET A 263 3.06 -2.58 5.21
CA MET A 263 3.50 -1.60 4.20
C MET A 263 4.54 -0.62 4.70
N ALA A 264 4.47 -0.30 6.01
CA ALA A 264 5.51 0.56 6.58
C ALA A 264 6.85 -0.12 6.57
N LEU A 265 6.87 -1.41 6.87
CA LEU A 265 8.15 -2.19 6.80
C LEU A 265 8.71 -2.25 5.38
N GLY A 266 7.83 -2.42 4.40
CA GLY A 266 8.29 -2.37 2.99
C GLY A 266 8.79 -1.00 2.62
N ASN A 267 8.07 0.08 3.02
CA ASN A 267 8.57 1.39 2.74
CA ASN A 267 8.57 1.43 2.84
C ASN A 267 9.96 1.64 3.40
N LEU A 268 10.15 1.15 4.63
CA LEU A 268 11.45 1.33 5.32
C LEU A 268 12.53 0.55 4.57
N ALA A 269 12.19 -0.65 4.10
CA ALA A 269 13.18 -1.48 3.35
C ALA A 269 13.58 -0.74 2.06
N ASP A 270 12.60 -0.15 1.36
CA ASP A 270 12.83 0.60 0.18
C ASP A 270 13.79 1.78 0.47
N LEU A 271 13.60 2.45 1.61
CA LEU A 271 14.48 3.59 1.98
C LEU A 271 15.91 3.12 2.23
N GLU A 272 16.03 1.98 2.93
CA GLU A 272 17.32 1.39 3.30
C GLU A 272 18.03 0.91 2.07
N GLU A 273 17.28 0.46 1.06
CA GLU A 273 17.93 0.07 -0.23
C GLU A 273 18.58 1.31 -0.86
N LEU A 274 17.91 2.44 -0.76
CA LEU A 274 18.36 3.66 -1.37
C LEU A 274 19.60 4.22 -0.62
N GLU A 275 19.59 4.08 0.70
CA GLU A 275 20.60 4.74 1.55
C GLU A 275 20.66 4.02 2.87
N PRO A 276 21.49 2.97 2.98
CA PRO A 276 21.38 2.18 4.22
C PRO A 276 21.90 2.88 5.45
N THR A 277 21.22 2.64 6.55
CA THR A 277 21.62 3.13 7.87
C THR A 277 22.58 2.11 8.49
N PRO A 278 23.80 2.55 8.87
CA PRO A 278 24.75 1.61 9.49
C PRO A 278 24.16 0.98 10.75
N GLY A 279 24.30 -0.34 10.85
CA GLY A 279 23.94 -1.04 12.07
C GLY A 279 22.50 -1.45 12.10
N ARG A 280 21.84 -1.37 10.95
CA ARG A 280 20.41 -1.72 10.85
C ARG A 280 20.22 -2.99 10.00
N PRO A 281 19.08 -3.68 10.12
CA PRO A 281 18.72 -4.79 9.25
C PRO A 281 18.81 -4.41 7.75
N ASP A 282 19.19 -5.38 6.91
CA ASP A 282 19.22 -5.24 5.44
C ASP A 282 17.77 -5.11 4.90
N PRO A 283 17.62 -4.42 3.74
CA PRO A 283 16.31 -4.41 3.09
C PRO A 283 15.64 -5.79 3.03
N LEU A 284 16.36 -6.85 2.59
CA LEU A 284 15.72 -8.16 2.57
C LEU A 284 15.17 -8.59 3.89
N THR A 285 15.89 -8.39 5.02
CA THR A 285 15.34 -8.73 6.30
C THR A 285 14.00 -8.00 6.65
N LEU A 286 13.99 -6.74 6.24
CA LEU A 286 12.80 -5.91 6.45
C LEU A 286 11.64 -6.34 5.54
N TYR A 287 11.91 -6.67 4.27
CA TYR A 287 10.79 -7.21 3.44
C TYR A 287 10.25 -8.45 4.04
N HIS A 288 11.15 -9.35 4.54
CA HIS A 288 10.68 -10.53 5.18
C HIS A 288 9.90 -10.30 6.49
N LYS A 289 10.31 -9.28 7.25
CA LYS A 289 9.51 -8.94 8.41
C LYS A 289 8.12 -8.44 8.04
N GLY A 290 8.04 -7.74 6.90
CA GLY A 290 6.71 -7.27 6.43
C GLY A 290 5.81 -8.45 6.07
N ILE A 291 6.39 -9.45 5.37
CA ILE A 291 5.65 -10.68 5.07
C ILE A 291 5.28 -11.44 6.35
N ALA A 292 6.23 -11.51 7.31
CA ALA A 292 5.89 -12.15 8.60
C ALA A 292 4.79 -11.44 9.36
N SER A 293 4.81 -10.11 9.29
CA SER A 293 3.73 -9.33 9.91
C SER A 293 2.38 -9.67 9.26
N ALA A 294 2.35 -9.73 7.90
CA ALA A 294 1.09 -10.04 7.21
C ALA A 294 0.58 -11.45 7.59
N LYS A 295 1.51 -12.41 7.68
CA LYS A 295 1.14 -13.77 8.07
C LYS A 295 0.59 -13.85 9.51
N THR A 296 1.22 -13.08 10.39
CA THR A 296 0.90 -13.14 11.83
C THR A 296 -0.41 -12.44 12.16
N TYR A 297 -0.58 -11.24 11.61
CA TYR A 297 -1.70 -10.41 12.04
C TYR A 297 -2.83 -10.31 11.02
N TYR A 298 -2.56 -10.66 9.75
CA TYR A 298 -3.56 -10.47 8.70
C TYR A 298 -3.83 -11.70 7.86
N ARG A 299 -3.60 -12.88 8.44
CA ARG A 299 -4.01 -14.16 7.81
C ARG A 299 -3.29 -14.35 6.47
N ASP A 300 -2.15 -13.68 6.28
CA ASP A 300 -1.41 -13.75 4.97
C ASP A 300 -2.36 -13.41 3.82
N GLU A 301 -3.21 -12.37 4.01
CA GLU A 301 -4.14 -11.97 2.98
CA GLU A 301 -4.19 -11.94 3.00
C GLU A 301 -3.77 -10.66 2.28
N HIS A 302 -2.55 -10.18 2.50
CA HIS A 302 -2.06 -8.94 1.86
C HIS A 302 -1.22 -9.23 0.66
N ILE A 303 -1.35 -8.41 -0.37
CA ILE A 303 -0.58 -8.63 -1.59
C ILE A 303 0.74 -7.91 -1.60
N TYR A 304 0.80 -6.70 -1.08
CA TYR A 304 2.00 -5.91 -1.24
C TYR A 304 3.21 -6.43 -0.48
N PRO A 305 3.09 -7.20 0.62
CA PRO A 305 4.36 -7.66 1.24
C PRO A 305 5.22 -8.44 0.20
N TYR A 306 4.55 -9.23 -0.61
CA TYR A 306 5.31 -10.01 -1.63
C TYR A 306 5.70 -9.15 -2.83
N MET A 307 4.86 -8.16 -3.20
CA MET A 307 5.21 -7.25 -4.27
CA MET A 307 5.24 -7.27 -4.29
C MET A 307 6.44 -6.40 -3.96
N TYR A 308 6.54 -5.92 -2.68
CA TYR A 308 7.72 -5.14 -2.27
C TYR A 308 8.93 -6.03 -2.45
N LEU A 309 8.85 -7.28 -1.96
CA LEU A 309 10.01 -8.20 -2.08
C LEU A 309 10.34 -8.46 -3.54
N ALA A 310 9.32 -8.76 -4.36
CA ALA A 310 9.61 -9.00 -5.76
C ALA A 310 10.28 -7.83 -6.45
N GLY A 311 9.84 -6.60 -6.12
CA GLY A 311 10.39 -5.42 -6.79
C GLY A 311 11.86 -5.28 -6.42
N TYR A 312 12.20 -5.51 -5.16
CA TYR A 312 13.67 -5.50 -4.74
C TYR A 312 14.47 -6.54 -5.54
N HIS A 313 13.96 -7.76 -5.66
CA HIS A 313 14.73 -8.77 -6.44
C HIS A 313 14.78 -8.43 -7.91
N CYS A 314 13.73 -7.87 -8.42
CA CYS A 314 13.69 -7.36 -9.81
C CYS A 314 14.77 -6.31 -10.04
N ARG A 315 14.82 -5.30 -9.17
CA ARG A 315 15.82 -4.24 -9.37
C ARG A 315 17.25 -4.77 -9.29
N ASN A 316 17.44 -5.81 -8.50
CA ASN A 316 18.75 -6.41 -8.33
C ASN A 316 19.02 -7.54 -9.34
N ARG A 317 18.07 -7.79 -10.26
CA ARG A 317 18.13 -8.93 -11.22
C ARG A 317 18.38 -10.27 -10.56
N ASN A 318 17.68 -10.51 -9.45
CA ASN A 318 17.62 -11.79 -8.84
C ASN A 318 16.36 -12.41 -9.50
N VAL A 319 16.48 -12.91 -10.74
CA VAL A 319 15.25 -13.34 -11.50
C VAL A 319 14.50 -14.46 -10.76
N ARG A 320 15.24 -15.50 -10.33
CA ARG A 320 14.64 -16.56 -9.56
C ARG A 320 13.79 -16.05 -8.38
N GLU A 321 14.38 -15.23 -7.51
CA GLU A 321 13.70 -14.80 -6.31
C GLU A 321 12.61 -13.77 -6.66
N ALA A 322 12.73 -13.01 -7.74
CA ALA A 322 11.64 -12.10 -8.19
C ALA A 322 10.45 -12.93 -8.68
N LEU A 323 10.71 -13.96 -9.49
CA LEU A 323 9.63 -14.88 -9.83
C LEU A 323 8.98 -15.58 -8.69
N GLN A 324 9.78 -16.03 -7.71
CA GLN A 324 9.22 -16.68 -6.56
C GLN A 324 8.24 -15.73 -5.82
N ALA A 325 8.67 -14.48 -5.62
CA ALA A 325 7.88 -13.51 -4.85
C ALA A 325 6.61 -13.13 -5.64
N TRP A 326 6.71 -12.99 -6.97
CA TRP A 326 5.47 -12.73 -7.73
C TRP A 326 4.53 -13.94 -7.73
N ALA A 327 5.07 -15.15 -7.81
CA ALA A 327 4.28 -16.36 -7.58
C ALA A 327 3.55 -16.34 -6.24
N ASP A 328 4.26 -15.91 -5.20
CA ASP A 328 3.68 -15.74 -3.88
C ASP A 328 2.59 -14.69 -3.87
N THR A 329 2.74 -13.54 -4.58
CA THR A 329 1.76 -12.59 -4.75
CA THR A 329 1.65 -12.52 -4.68
C THR A 329 0.50 -13.30 -5.30
N ALA A 330 0.64 -14.03 -6.40
CA ALA A 330 -0.52 -14.67 -7.02
C ALA A 330 -1.17 -15.72 -6.14
N THR A 331 -0.42 -16.33 -5.23
CA THR A 331 -0.98 -17.34 -4.35
C THR A 331 -1.87 -16.67 -3.29
N VAL A 332 -1.58 -15.40 -2.99
CA VAL A 332 -2.52 -14.60 -2.16
C VAL A 332 -3.79 -14.23 -2.93
N ILE A 333 -3.61 -13.65 -4.14
CA ILE A 333 -4.74 -13.13 -4.87
C ILE A 333 -5.73 -14.24 -5.29
N GLN A 334 -5.24 -15.47 -5.37
CA GLN A 334 -6.12 -16.56 -5.88
C GLN A 334 -7.38 -16.75 -5.00
N ASP A 335 -7.32 -16.37 -3.72
CA ASP A 335 -8.44 -16.61 -2.75
C ASP A 335 -9.28 -15.35 -2.59
N TYR A 336 -9.19 -14.45 -3.56
CA TYR A 336 -10.05 -13.27 -3.65
C TYR A 336 -10.97 -13.41 -4.84
N ASN A 337 -12.02 -12.59 -4.86
CA ASN A 337 -12.91 -12.40 -6.02
C ASN A 337 -12.53 -11.07 -6.63
N TYR A 338 -12.25 -11.04 -7.94
CA TYR A 338 -11.94 -9.80 -8.62
C TYR A 338 -13.24 -9.00 -8.67
N CYS A 339 -13.28 -7.85 -8.03
CA CYS A 339 -14.41 -7.01 -7.91
CA CYS A 339 -14.41 -6.99 -7.93
C CYS A 339 -14.05 -5.55 -8.54
N ARG A 340 -15.14 -4.82 -8.71
CA ARG A 340 -15.14 -3.59 -9.50
C ARG A 340 -14.01 -2.63 -9.13
N GLU A 341 -13.90 -2.31 -7.85
CA GLU A 341 -12.99 -1.31 -7.41
C GLU A 341 -11.62 -1.86 -7.05
N ASP A 342 -11.32 -3.07 -7.50
CA ASP A 342 -9.99 -3.68 -7.31
C ASP A 342 -9.02 -3.36 -8.48
N GLU A 343 -9.38 -2.37 -9.31
CA GLU A 343 -8.60 -2.13 -10.55
C GLU A 343 -7.14 -1.83 -10.27
N GLU A 344 -6.75 -1.24 -9.12
CA GLU A 344 -5.31 -0.97 -8.91
C GLU A 344 -4.42 -2.25 -8.87
N ILE A 345 -4.95 -3.31 -8.26
CA ILE A 345 -4.17 -4.53 -8.17
C ILE A 345 -4.23 -5.27 -9.50
N TYR A 346 -5.34 -5.17 -10.23
CA TYR A 346 -5.37 -5.72 -11.57
C TYR A 346 -4.28 -5.04 -12.40
N LYS A 347 -4.15 -3.72 -12.33
CA LYS A 347 -3.12 -3.00 -13.12
C LYS A 347 -1.75 -3.45 -12.73
N GLU A 348 -1.54 -3.73 -11.44
CA GLU A 348 -0.24 -4.19 -11.05
C GLU A 348 0.07 -5.61 -11.58
N PHE A 349 -0.85 -6.54 -11.42
CA PHE A 349 -0.58 -7.85 -11.99
C PHE A 349 -0.39 -7.78 -13.52
N PHE A 350 -1.18 -6.96 -14.22
CA PHE A 350 -1.08 -6.82 -15.65
C PHE A 350 0.34 -6.33 -16.02
N GLU A 351 0.84 -5.31 -15.33
CA GLU A 351 2.15 -4.77 -15.63
C GLU A 351 3.26 -5.84 -15.32
N VAL A 352 3.09 -6.63 -14.24
CA VAL A 352 4.11 -7.67 -13.94
C VAL A 352 4.11 -8.75 -15.05
N ALA A 353 2.92 -9.21 -15.44
CA ALA A 353 2.85 -10.29 -16.43
C ALA A 353 3.20 -9.86 -17.84
N ASN A 354 2.85 -8.60 -18.17
CA ASN A 354 2.88 -8.21 -19.58
C ASN A 354 3.94 -7.19 -19.92
N ASP A 355 4.69 -6.77 -18.91
CA ASP A 355 5.79 -5.85 -19.13
C ASP A 355 7.04 -6.23 -18.36
N VAL A 356 6.93 -6.37 -17.04
CA VAL A 356 8.10 -6.55 -16.20
C VAL A 356 8.69 -7.94 -16.42
N ILE A 357 7.86 -8.99 -16.29
CA ILE A 357 8.43 -10.33 -16.52
C ILE A 357 9.03 -10.46 -17.95
N PRO A 358 8.30 -10.05 -18.97
CA PRO A 358 8.89 -10.14 -20.30
C PRO A 358 10.22 -9.43 -20.44
N ASN A 359 10.35 -8.25 -19.87
CA ASN A 359 11.65 -7.54 -19.93
C ASN A 359 12.73 -8.27 -19.19
N LEU A 360 12.41 -8.80 -17.99
CA LEU A 360 13.42 -9.60 -17.25
C LEU A 360 13.86 -10.80 -18.05
N LEU A 361 12.91 -11.51 -18.72
CA LEU A 361 13.25 -12.76 -19.37
C LEU A 361 13.95 -12.46 -20.65
N LYS A 362 13.63 -11.33 -21.28
CA LYS A 362 14.36 -10.94 -22.52
C LYS A 362 15.84 -10.67 -22.22
N GLU A 363 16.11 -9.94 -21.16
CA GLU A 363 17.50 -9.75 -20.70
C GLU A 363 18.15 -11.08 -20.31
N ALA A 364 17.40 -11.92 -19.60
CA ALA A 364 17.99 -13.24 -19.25
C ALA A 364 18.35 -14.04 -20.48
N ALA A 365 17.55 -13.93 -21.56
CA ALA A 365 17.77 -14.68 -22.78
C ALA A 365 19.08 -14.16 -23.42
N SER A 366 19.27 -12.85 -23.41
CA SER A 366 20.51 -12.28 -23.99
C SER A 366 21.72 -12.75 -23.18
N LEU A 367 21.59 -12.78 -21.85
CA LEU A 367 22.73 -13.13 -21.00
C LEU A 367 23.00 -14.62 -21.14
N LEU A 368 21.95 -15.42 -21.30
CA LEU A 368 22.15 -16.86 -21.59
C LEU A 368 22.92 -17.07 -22.88
N GLU A 369 22.57 -16.31 -23.91
CA GLU A 369 23.27 -16.39 -25.18
C GLU A 369 24.77 -16.07 -24.97
N ALA A 370 25.05 -15.24 -23.99
CA ALA A 370 26.41 -14.87 -23.71
C ALA A 370 27.12 -15.75 -22.70
N GLY A 371 26.53 -16.85 -22.34
CA GLY A 371 27.21 -17.80 -21.54
C GLY A 371 26.92 -17.79 -20.09
N SER A 372 25.86 -17.14 -19.66
CA SER A 372 25.59 -17.19 -18.27
C SER A 372 25.37 -18.62 -17.72
N GLN A 373 25.80 -18.83 -16.47
CA GLN A 373 25.59 -20.07 -15.74
C GLN A 373 24.60 -19.77 -14.64
N GLY A 374 23.84 -20.80 -14.27
CA GLY A 374 22.88 -20.70 -13.19
C GLY A 374 21.70 -19.83 -13.60
N SER A 375 21.54 -19.60 -14.92
CA SER A 375 20.45 -18.71 -15.44
C SER A 375 19.05 -19.18 -14.98
N ALA A 376 18.15 -18.23 -14.65
CA ALA A 376 16.78 -18.60 -14.35
C ALA A 376 16.19 -19.39 -15.50
N LEU A 377 16.63 -19.15 -16.73
CA LEU A 377 16.01 -19.78 -17.91
C LEU A 377 16.40 -21.26 -18.03
N GLN A 378 17.47 -21.61 -17.31
CA GLN A 378 17.85 -23.05 -17.23
C GLN A 378 17.44 -23.68 -15.93
N ASP A 379 16.63 -23.00 -15.09
CA ASP A 379 16.26 -23.53 -13.81
C ASP A 379 14.78 -23.91 -13.86
N PRO A 380 14.44 -25.20 -13.80
CA PRO A 380 13.05 -25.58 -13.82
C PRO A 380 12.25 -25.02 -12.61
N GLU A 381 12.92 -24.72 -11.51
CA GLU A 381 12.19 -24.11 -10.37
C GLU A 381 11.69 -22.71 -10.79
N CYS A 382 12.45 -22.00 -11.62
CA CYS A 382 12.01 -20.66 -12.12
C CYS A 382 10.81 -20.83 -13.04
N PHE A 383 10.87 -21.84 -13.92
CA PHE A 383 9.71 -22.05 -14.79
C PHE A 383 8.50 -22.40 -13.90
N ALA A 384 8.68 -23.23 -12.87
CA ALA A 384 7.58 -23.50 -11.93
C ALA A 384 7.02 -22.21 -11.31
N HIS A 385 7.89 -21.27 -10.89
CA HIS A 385 7.34 -19.99 -10.33
C HIS A 385 6.51 -19.24 -11.35
N LEU A 386 6.97 -19.17 -12.61
CA LEU A 386 6.22 -18.50 -13.68
C LEU A 386 4.83 -19.18 -13.81
N LEU A 387 4.81 -20.53 -13.78
CA LEU A 387 3.50 -21.21 -13.89
C LEU A 387 2.59 -20.96 -12.69
N ARG A 388 3.19 -20.88 -11.48
CA ARG A 388 2.42 -20.66 -10.24
C ARG A 388 1.84 -19.26 -10.28
N PHE A 389 2.57 -18.29 -10.82
CA PHE A 389 2.07 -16.94 -10.95
C PHE A 389 0.80 -16.93 -11.83
N TYR A 390 0.89 -17.57 -13.00
CA TYR A 390 -0.30 -17.59 -13.84
C TYR A 390 -1.41 -18.41 -13.20
N ASP A 391 -1.09 -19.52 -12.52
CA ASP A 391 -2.14 -20.28 -11.85
C ASP A 391 -2.95 -19.45 -10.85
N GLY A 392 -2.27 -18.61 -10.09
CA GLY A 392 -3.01 -17.85 -9.06
C GLY A 392 -3.88 -16.81 -9.74
N ILE A 393 -3.43 -16.22 -10.83
CA ILE A 393 -4.20 -15.25 -11.56
C ILE A 393 -5.45 -15.94 -12.15
N CYS A 394 -5.24 -17.13 -12.68
CA CYS A 394 -6.41 -17.87 -13.24
C CYS A 394 -7.36 -18.23 -12.12
N LYS A 395 -6.86 -18.63 -10.95
CA LYS A 395 -7.78 -19.05 -9.86
C LYS A 395 -8.51 -17.81 -9.30
N TRP A 396 -7.84 -16.68 -9.14
CA TRP A 396 -8.49 -15.41 -8.83
C TRP A 396 -9.71 -15.17 -9.68
N GLU A 397 -9.53 -15.35 -10.99
CA GLU A 397 -10.58 -15.12 -11.98
C GLU A 397 -11.79 -16.04 -11.72
N GLU A 398 -11.58 -17.25 -11.25
CA GLU A 398 -12.71 -18.19 -10.98
C GLU A 398 -13.67 -17.61 -9.94
N GLY A 399 -14.95 -17.64 -10.28
CA GLY A 399 -15.97 -17.12 -9.36
C GLY A 399 -15.97 -15.60 -9.16
N SER A 400 -15.25 -14.87 -10.00
CA SER A 400 -15.32 -13.40 -9.95
C SER A 400 -16.44 -12.94 -10.89
N PRO A 401 -17.05 -11.76 -10.59
CA PRO A 401 -18.02 -11.16 -11.54
C PRO A 401 -17.40 -10.75 -12.90
N THR A 402 -16.40 -9.87 -12.88
CA THR A 402 -15.61 -9.52 -14.06
C THR A 402 -14.55 -10.61 -14.30
N PRO A 403 -14.27 -10.95 -15.58
CA PRO A 403 -13.08 -11.74 -15.93
C PRO A 403 -11.76 -10.96 -15.74
N VAL A 404 -10.64 -11.68 -15.73
CA VAL A 404 -9.32 -11.04 -15.55
C VAL A 404 -8.51 -11.19 -16.84
N LEU A 405 -8.45 -12.42 -17.33
CA LEU A 405 -7.58 -12.74 -18.48
C LEU A 405 -8.25 -12.42 -19.75
N HIS A 406 -7.44 -12.14 -20.75
CA HIS A 406 -7.88 -11.88 -22.13
C HIS A 406 -6.75 -12.13 -23.10
N VAL A 407 -6.98 -12.07 -24.42
CA VAL A 407 -5.93 -12.46 -25.38
C VAL A 407 -4.60 -11.64 -25.30
N GLY A 408 -4.74 -10.41 -24.78
CA GLY A 408 -3.59 -9.51 -24.51
C GLY A 408 -2.61 -10.26 -23.62
N TRP A 409 -3.18 -10.91 -22.63
CA TRP A 409 -2.31 -11.65 -21.72
C TRP A 409 -1.76 -12.91 -22.41
N ALA A 410 -2.52 -13.54 -23.32
CA ALA A 410 -2.07 -14.80 -23.91
C ALA A 410 -0.82 -14.63 -24.74
N THR A 411 -0.69 -13.51 -25.44
CA THR A 411 0.52 -13.28 -26.26
C THR A 411 1.79 -13.26 -25.41
N PHE A 412 1.70 -12.58 -24.29
CA PHE A 412 2.86 -12.54 -23.38
C PHE A 412 3.10 -13.85 -22.70
N LEU A 413 2.06 -14.58 -22.27
CA LEU A 413 2.30 -15.93 -21.73
C LEU A 413 3.05 -16.82 -22.71
N VAL A 414 2.62 -16.85 -23.98
CA VAL A 414 3.30 -17.71 -24.97
C VAL A 414 4.76 -17.27 -25.14
N GLN A 415 4.96 -15.96 -25.19
CA GLN A 415 6.35 -15.47 -25.28
C GLN A 415 7.23 -15.89 -24.07
N SER A 416 6.66 -15.72 -22.89
CA SER A 416 7.42 -16.02 -21.69
C SER A 416 7.71 -17.53 -21.52
N LEU A 417 6.71 -18.37 -21.84
CA LEU A 417 6.96 -19.81 -21.85
C LEU A 417 8.09 -20.19 -22.80
N GLY A 418 8.10 -19.56 -23.99
CA GLY A 418 9.06 -19.88 -25.06
C GLY A 418 10.48 -19.46 -24.69
N ARG A 419 10.64 -18.65 -23.63
CA ARG A 419 11.99 -18.28 -23.15
C ARG A 419 12.73 -19.43 -22.48
N PHE A 420 11.98 -20.45 -22.06
CA PHE A 420 12.55 -21.64 -21.46
C PHE A 420 12.59 -22.75 -22.48
N GLU A 421 13.76 -23.36 -22.68
CA GLU A 421 13.83 -24.48 -23.56
C GLU A 421 12.94 -25.64 -23.11
N GLY A 422 12.45 -26.43 -24.07
CA GLY A 422 11.68 -27.64 -23.74
C GLY A 422 12.38 -28.52 -22.71
N GLN A 423 13.71 -28.72 -22.77
CA GLN A 423 14.37 -29.58 -21.81
C GLN A 423 14.37 -29.05 -20.35
N VAL A 424 14.13 -27.73 -20.19
CA VAL A 424 13.99 -27.18 -18.88
C VAL A 424 12.53 -27.31 -18.46
N ARG A 425 11.61 -27.01 -19.40
CA ARG A 425 10.17 -27.02 -19.08
C ARG A 425 9.70 -28.43 -18.67
N GLN A 426 10.29 -29.42 -19.31
CA GLN A 426 9.92 -30.80 -19.09
C GLN A 426 10.30 -31.33 -17.71
N LYS A 427 11.19 -30.66 -16.99
CA LYS A 427 11.62 -31.09 -15.67
C LYS A 427 10.61 -30.71 -14.57
N VAL A 428 9.67 -29.80 -14.87
CA VAL A 428 8.67 -29.47 -13.82
C VAL A 428 7.62 -30.56 -13.75
N ARG A 429 7.39 -31.10 -12.55
CA ARG A 429 6.35 -32.11 -12.39
C ARG A 429 5.06 -31.47 -11.86
N ILE A 430 4.01 -31.60 -12.64
CA ILE A 430 2.75 -31.00 -12.25
C ILE A 430 1.95 -32.17 -11.66
N VAL A 431 1.73 -32.06 -10.36
CA VAL A 431 1.09 -33.05 -9.51
C VAL A 431 -0.37 -32.63 -9.26
N SER A 432 -1.30 -33.57 -9.36
CA SER A 432 -2.70 -33.31 -9.07
C SER A 432 -3.08 -33.34 -7.60
N PRO A 445 11.54 -29.84 -9.40
CA PRO A 445 10.42 -29.04 -8.91
C PRO A 445 9.12 -29.74 -9.14
N VAL A 446 8.21 -29.48 -8.22
CA VAL A 446 6.93 -30.11 -8.26
C VAL A 446 5.93 -28.97 -8.02
N LEU A 447 4.86 -28.97 -8.78
CA LEU A 447 3.90 -27.88 -8.69
C LEU A 447 2.51 -28.49 -8.71
N THR A 448 1.57 -27.92 -7.93
CA THR A 448 0.18 -28.34 -8.05
C THR A 448 -0.60 -27.11 -8.51
N PHE A 449 -1.43 -27.25 -9.54
CA PHE A 449 -2.27 -26.15 -9.98
C PHE A 449 -3.61 -26.14 -9.25
N GLN A 450 -4.03 -24.96 -8.88
CA GLN A 450 -5.35 -24.76 -8.27
C GLN A 450 -6.41 -24.36 -9.29
N SER A 451 -5.98 -23.71 -10.38
CA SER A 451 -6.97 -23.21 -11.38
C SER A 451 -7.27 -24.28 -12.45
N GLU A 452 -8.52 -24.30 -12.91
CA GLU A 452 -8.83 -25.21 -14.00
C GLU A 452 -8.17 -24.82 -15.31
N LYS A 453 -7.99 -23.53 -15.57
CA LYS A 453 -7.25 -23.14 -16.79
C LYS A 453 -5.86 -23.74 -16.85
N MET A 454 -5.10 -23.66 -15.72
CA MET A 454 -3.76 -24.20 -15.84
C MET A 454 -3.73 -25.72 -15.86
N LYS A 455 -4.66 -26.37 -15.16
CA LYS A 455 -4.73 -27.82 -15.21
C LYS A 455 -4.92 -28.28 -16.69
N GLY A 456 -5.76 -27.56 -17.42
CA GLY A 456 -6.03 -27.94 -18.83
C GLY A 456 -4.84 -27.62 -19.73
N MET A 457 -3.92 -26.78 -19.23
CA MET A 457 -2.77 -26.36 -20.04
CA MET A 457 -2.74 -26.31 -19.96
C MET A 457 -1.56 -27.25 -19.87
N LYS A 458 -1.63 -28.19 -18.93
CA LYS A 458 -0.46 -28.92 -18.50
C LYS A 458 0.31 -29.57 -19.64
N GLU A 459 -0.38 -30.32 -20.49
CA GLU A 459 0.35 -31.02 -21.56
C GLU A 459 1.02 -30.04 -22.50
N LEU A 460 0.35 -28.95 -22.77
CA LEU A 460 0.89 -27.94 -23.69
C LEU A 460 2.19 -27.26 -23.19
N LEU A 461 2.37 -27.28 -21.87
CA LEU A 461 3.43 -26.44 -21.28
C LEU A 461 4.77 -27.08 -21.40
N VAL A 462 4.78 -28.38 -21.58
CA VAL A 462 6.02 -29.11 -21.52
C VAL A 462 6.35 -29.69 -22.88
N ALA A 463 5.83 -29.08 -23.94
CA ALA A 463 6.08 -29.49 -25.33
C ALA A 463 7.25 -28.77 -26.02
N THR A 464 7.99 -29.50 -26.85
CA THR A 464 9.22 -28.94 -27.43
C THR A 464 9.01 -27.62 -28.12
N LYS A 465 7.97 -27.56 -28.96
CA LYS A 465 7.51 -26.32 -29.58
C LYS A 465 6.18 -25.98 -28.92
N ILE A 466 6.08 -24.76 -28.44
CA ILE A 466 4.88 -24.29 -27.76
C ILE A 466 3.76 -24.14 -28.79
N ASN A 467 2.60 -24.76 -28.53
CA ASN A 467 1.46 -24.55 -29.44
C ASN A 467 0.77 -23.24 -29.06
N SER A 468 1.19 -22.12 -29.64
CA SER A 468 0.68 -20.82 -29.32
C SER A 468 -0.86 -20.68 -29.40
N SER A 469 -1.48 -21.17 -30.49
CA SER A 469 -2.92 -21.02 -30.59
CA SER A 469 -2.92 -21.04 -30.61
C SER A 469 -3.70 -21.82 -29.54
N ALA A 470 -3.21 -23.03 -29.24
CA ALA A 470 -3.89 -23.88 -28.23
C ALA A 470 -3.75 -23.18 -26.84
N ILE A 471 -2.57 -22.63 -26.57
CA ILE A 471 -2.36 -21.89 -25.28
C ILE A 471 -3.30 -20.72 -25.15
N LYS A 472 -3.43 -19.91 -26.22
CA LYS A 472 -4.35 -18.81 -26.24
C LYS A 472 -5.76 -19.28 -25.99
N LEU A 473 -6.16 -20.38 -26.64
CA LEU A 473 -7.52 -20.87 -26.40
C LEU A 473 -7.76 -21.27 -24.93
N GLN A 474 -6.74 -21.90 -24.35
CA GLN A 474 -6.88 -22.38 -22.96
C GLN A 474 -6.87 -21.23 -21.94
N LEU A 475 -6.06 -20.19 -22.19
CA LEU A 475 -5.99 -19.15 -21.22
C LEU A 475 -7.19 -18.23 -21.30
N THR A 476 -7.85 -18.12 -22.46
CA THR A 476 -8.94 -17.11 -22.59
C THR A 476 -10.34 -17.73 -22.65
N ALA A 477 -10.32 -19.07 -22.65
CA ALA A 477 -11.44 -19.99 -22.81
C ALA A 477 -12.31 -19.57 -24.03
N GLN A 478 -11.60 -19.19 -25.09
CA GLN A 478 -12.19 -18.71 -26.36
C GLN A 478 -12.70 -19.97 -27.02
N SER A 479 -13.94 -19.91 -27.46
CA SER A 479 -14.67 -21.15 -27.80
C SER A 479 -14.16 -21.65 -29.14
N GLN A 480 -13.79 -20.70 -30.01
CA GLN A 480 -13.69 -21.00 -31.46
C GLN A 480 -12.49 -20.36 -32.14
N VAL A 481 -12.09 -20.93 -33.29
CA VAL A 481 -11.05 -20.27 -34.13
C VAL A 481 -11.66 -19.71 -35.44
N GLN A 482 -10.93 -18.76 -36.04
CA GLN A 482 -11.37 -17.94 -37.21
C GLN A 482 -12.22 -18.68 -38.26
C4 59Q B . -0.71 2.74 3.39
C5 59Q B . -0.42 2.66 2.07
C6 59Q B . 0.91 2.62 1.70
N1 59Q B . 1.85 2.68 2.64
N3 59Q B . 0.23 2.76 4.30
FAC 59Q B . -5.88 4.32 1.12
CBB 59Q B . -4.68 4.23 1.60
FAD 59Q B . -4.72 4.67 2.77
FAE 59Q B . -3.97 4.97 0.95
CAL 59Q B . -4.13 2.79 1.54
CAS 59Q B . -2.70 2.74 2.09
SAR 59Q B . -2.35 2.75 3.70
CAG 59Q B . -1.57 2.67 1.35
C2 59Q B . 1.57 2.70 3.98
NBA 59Q B . 1.41 2.51 0.45
CAK 59Q B . 0.55 1.99 -0.66
CAI 59Q B . 1.27 0.90 -1.48
CAJ 59Q B . 2.82 2.86 0.16
CAH 59Q B . 3.16 2.60 -1.32
NAZ 59Q B . 2.67 1.27 -1.78
CAU 59Q B . 3.50 0.45 -2.43
SAQ 59Q B . 3.22 -1.12 -2.79
NAP 59Q B . 4.72 0.79 -2.85
NAO 59Q B . 5.36 -0.20 -3.45
CAT 59Q B . 4.65 -1.33 -3.49
CAY 59Q B . 5.13 -2.63 -4.10
FAA 59Q B . 4.47 -2.86 -5.28
FAB 59Q B . 4.90 -3.68 -3.22
S DMS C . -0.58 6.05 2.02
O DMS C . -0.21 5.57 0.69
C1 DMS C . 0.87 6.08 2.94
C2 DMS C . -0.96 7.70 1.97
S DMS D . 10.57 29.54 6.11
O DMS D . 11.76 28.66 6.17
C1 DMS D . 10.12 29.78 4.48
C2 DMS D . 9.27 28.66 6.72
O1 PG4 E . -5.19 -1.88 -17.23
C1 PG4 E . -3.85 -2.32 -17.43
C2 PG4 E . -3.56 -2.17 -18.90
O2 PG4 E . -4.41 -3.02 -19.71
C3 PG4 E . -4.03 -2.71 -21.08
C4 PG4 E . -4.96 -3.39 -22.10
O3 PG4 E . -6.30 -2.97 -21.86
C5 PG4 E . -7.22 -3.64 -22.73
C6 PG4 E . -8.64 -3.54 -22.15
O4 PG4 E . -8.73 -4.20 -20.88
C7 PG4 E . -10.00 -4.86 -20.68
C8 PG4 E . -9.89 -5.89 -19.54
O5 PG4 E . -9.85 -5.21 -18.29
O2 PG4 F . 9.39 -6.19 13.05
C3 PG4 F . 8.18 -6.93 12.81
C4 PG4 F . 8.54 -8.26 12.13
O3 PG4 F . 7.39 -9.06 11.81
C1 PEG G . -13.64 13.60 -4.99
O1 PEG G . -14.59 13.04 -5.88
C2 PEG G . -14.39 14.41 -3.94
O2 PEG G . -14.00 15.78 -4.02
C3 PEG G . -14.38 16.47 -2.82
C4 PEG G . -14.88 17.85 -3.20
O4 PEG G . -15.81 18.29 -2.22
S DMS H . 0.26 7.12 2.14
O DMS H . 0.71 6.16 1.10
C1 DMS H . -1.41 7.40 1.94
C2 DMS H . 0.31 6.36 3.68
S SO4 I . -5.37 22.34 -8.50
O1 SO4 I . -6.56 22.11 -9.33
O2 SO4 I . -4.89 21.06 -7.92
O3 SO4 I . -5.72 23.28 -7.41
O4 SO4 I . -4.27 22.89 -9.35
S SO4 J . -13.50 8.68 26.36
O1 SO4 J . -14.82 9.13 26.89
O2 SO4 J . -13.15 7.36 26.96
O3 SO4 J . -12.48 9.67 26.77
O4 SO4 J . -13.52 8.58 24.87
S SO4 K . 13.12 -10.79 -28.42
O1 SO4 K . 12.25 -11.98 -28.54
O2 SO4 K . 14.53 -11.19 -28.25
O3 SO4 K . 12.73 -10.01 -27.23
O4 SO4 K . 12.95 -9.96 -29.62
S DMS L . -22.92 15.07 0.81
O DMS L . -22.01 15.83 1.71
C1 DMS L . -21.99 14.17 -0.30
C2 DMS L . -23.74 13.82 1.65
S DMS M . -14.34 -4.81 13.54
O DMS M . -13.26 -5.78 13.24
C1 DMS M . -13.77 -3.22 13.24
C2 DMS M . -15.48 -4.88 12.26
S SO4 N . 4.76 32.30 -5.32
O1 SO4 N . 3.98 32.91 -4.18
O2 SO4 N . 3.98 31.13 -5.69
O3 SO4 N . 6.10 31.97 -4.80
O4 SO4 N . 4.95 33.15 -6.56
#